data_9GEL
#
_entry.id   9GEL
#
_cell.length_a   1.00
_cell.length_b   1.00
_cell.length_c   1.00
_cell.angle_alpha   90.00
_cell.angle_beta   90.00
_cell.angle_gamma   90.00
#
_symmetry.space_group_name_H-M   'P 1'
#
loop_
_entity.id
_entity.type
_entity.pdbx_description
1 polymer 'Hexasomal DNA Strand 1'
2 polymer 'Hexasomal DNA Strand 2'
3 polymer 'Histone H3.1'
4 polymer 'Histone H4'
5 polymer 'Histone H2A type 1-B/E'
6 polymer 'Histone H2B type 2-E'
#
loop_
_entity_poly.entity_id
_entity_poly.type
_entity_poly.pdbx_seq_one_letter_code
_entity_poly.pdbx_strand_id
1 'polydeoxyribonucleotide'
;(DC)(DA)(DA)(DT)(DA)(DT)(DC)(DC)(DC)(DG)(DA)(DG)(DT)(DA)(DC)(DA)(DT)(DG)(DC)(DA)
(DC)(DA)(DG)(DG)(DA)(DT)(DG)(DT)(DA)(DT)(DA)(DT)(DA)(DT)(DC)(DT)(DG)(DA)(DC)(DA)
(DC)(DG)(DT)(DG)(DC)(DC)(DT)(DG)(DG)(DA)(DG)(DA)(DC)(DT)(DA)(DG)(DG)(DG)(DA)(DG)
(DT)(DA)(DA)(DT)(DC)(DC)(DC)(DC)(DT)(DT)(DG)(DG)(DC)(DG)(DG)(DT)(DT)(DA)(DA)(DA)
(DA)(DC)(DG)(DC)(DG)(DG)(DG)(DG)(DG)(DA)(DC)(DA)(DG)(DC)(DG)(DC)(DG)(DT)(DA)(DC)
(DG)(DT)(DG)(DC)(DG)(DT)(DT)(DT)(DA)(DA)(DG)(DC)(DG)(DG)(DT)(DG)(DC)(DT)(DA)(DG)
(DA)(DG)(DC)(DT)(DG)(DT)(DC)(DT)(DA)(DC)(DG)(DA)(DC)(DC)(DA)(DA)(DT)(DT)(DG)(DA)
(DG)(DC)(DG)(DG)(DC)(DC)(DT)(DC)(DG)(DG)(DC)(DA)
;
K
2 'polydeoxyribonucleotide'
;(DT)(DG)(DC)(DC)(DG)(DA)(DG)(DG)(DC)(DC)(DG)(DC)(DT)(DC)(DA)(DA)(DT)(DT)(DG)(DG)
(DT)(DC)(DG)(DT)(DA)(DG)(DA)(DC)(DA)(DG)(DC)(DT)(DC)(DT)(DA)(DG)(DC)(DA)(DC)(DC)
(DG)(DC)(DT)(DT)(DA)(DA)(DA)(DC)(DG)(DC)(DA)(DC)(DG)(DT)(DA)(DC)(DG)(DC)(DG)(DC)
(DT)(DG)(DT)(DC)(DC)(DC)(DC)(DC)(DG)(DC)(DG)(DT)(DT)(DT)(DT)(DA)(DA)(DC)(DC)(DG)
(DC)(DC)(DA)(DA)(DG)(DG)(DG)(DG)(DA)(DT)(DT)(DA)(DC)(DT)(DC)(DC)(DC)(DT)(DA)(DG)
(DT)(DC)(DT)(DC)(DC)(DA)(DG)(DG)(DC)(DA)(DC)(DG)(DT)(DG)(DT)(DC)(DA)(DG)(DA)(DT)
(DA)(DT)(DA)(DT)(DA)(DC)(DA)(DT)(DC)(DC)(DT)(DG)(DT)(DG)(DC)(DA)(DT)(DG)(DT)(DA)
(DC)(DT)(DC)(DG)(DG)(DG)(DA)(DT)(DA)(DT)(DT)(DG)
;
L
3 'polypeptide(L)'
;MARTKQTARKSTGGKAPRKQLATKAARKSAPATGGVKKPHRYRPGTVALREIRRYQKSTELLIRKLPFQRLVREIAQDFK
TDLRFQSSAVMALQEACEAYLVGLFEDTNLCAIHAKRVTIMPKDIQLARRIRGERA
;
M,Q
4 'polypeptide(L)'
;SGRGKGGKGLGKGGAKRHRKVLRDNIQGITKPAIRRLARRGGVKRISGLIYEETRGVLKVFLENVIRDAVTYTEHAKRKT
VTAMDVVYALKRQGRTLYGFGG
;
N,R
5 'polypeptide(L)'
;SGRGKQGGKARAKAKTRSSRAGLQFPVGRVHRLLRKGNYSERVGAGAPVYLAAVLEYLTAEILELAGNAARDNKKTRIIP
RHLQLAIRNDEELNKLLGRVTIAQGGVLPNIQAVLLPKKTESHHKAKGK
;
S
6 'polypeptide(L)'
;PEPAKSAPAPKKGSKKAVTKAQKKDGKKRKRSRKESYSIYVYKVLKQVHPDTGISSKAMGIMNSFVNDIFERIAGEASRL
AHYNKRSTITSREIQTAVRLLLPGELAKHAVSEGTKAVTKYTSSK
;
T
#
# COMPACT_ATOMS: atom_id res chain seq x y z
N PRO C 44 11.16 31.07 24.40
CA PRO C 44 10.27 30.14 23.72
C PRO C 44 11.03 29.02 22.98
N GLY C 45 11.75 29.34 21.90
CA GLY C 45 12.53 28.36 21.15
C GLY C 45 11.69 27.21 20.56
N THR C 46 10.40 27.43 20.27
CA THR C 46 9.43 26.32 20.14
C THR C 46 8.15 26.59 19.32
N VAL C 47 7.90 27.81 18.83
CA VAL C 47 6.73 28.09 17.95
C VAL C 47 6.79 27.34 16.62
N ALA C 48 7.92 26.71 16.33
CA ALA C 48 8.05 25.56 15.44
C ALA C 48 6.90 24.54 15.50
N LEU C 49 6.27 24.28 16.66
CA LEU C 49 5.10 23.40 16.69
C LEU C 49 3.92 24.00 15.91
N ARG C 50 3.73 25.31 15.99
CA ARG C 50 2.75 26.04 15.18
C ARG C 50 3.16 26.09 13.72
N GLU C 51 4.45 26.09 13.41
CA GLU C 51 4.88 25.82 12.04
C GLU C 51 4.37 24.48 11.53
N ILE C 52 4.43 23.39 12.31
CA ILE C 52 3.91 22.08 11.88
C ILE C 52 2.46 22.24 11.44
N ARG C 53 1.62 22.75 12.34
CA ARG C 53 0.20 22.92 12.05
C ARG C 53 0.01 23.82 10.84
N ARG C 54 0.78 24.90 10.69
CA ARG C 54 0.66 25.77 9.51
C ARG C 54 1.08 25.06 8.23
N TYR C 55 2.17 24.31 8.22
CA TYR C 55 2.61 23.54 7.05
C TYR C 55 1.79 22.27 6.79
N GLN C 56 0.91 21.90 7.72
CA GLN C 56 -0.18 20.96 7.50
C GLN C 56 -1.49 21.62 7.04
N LYS C 57 -1.77 22.88 7.41
CA LYS C 57 -2.86 23.67 6.79
C LYS C 57 -2.57 23.85 5.30
N SER C 58 -1.31 24.16 4.98
CA SER C 58 -0.78 24.14 3.62
C SER C 58 -0.71 22.73 3.04
N THR C 59 -0.73 22.63 1.70
CA THR C 59 -0.53 21.36 0.96
C THR C 59 0.46 21.50 -0.20
N GLU C 60 0.71 22.72 -0.68
CA GLU C 60 1.45 23.00 -1.91
C GLU C 60 2.93 22.57 -1.84
N LEU C 61 3.53 22.32 -3.01
CA LEU C 61 4.90 21.84 -3.08
C LEU C 61 5.88 22.87 -2.49
N LEU C 62 6.90 22.38 -1.79
CA LEU C 62 7.79 23.17 -0.95
C LEU C 62 9.10 23.54 -1.63
N ILE C 63 9.59 22.73 -2.56
CA ILE C 63 10.84 23.03 -3.28
C ILE C 63 10.57 24.06 -4.40
N ARG C 64 11.49 25.01 -4.59
CA ARG C 64 11.49 25.99 -5.68
C ARG C 64 11.64 25.32 -7.06
N LYS C 65 10.83 25.70 -8.03
CA LYS C 65 10.63 24.98 -9.30
C LYS C 65 11.93 24.80 -10.10
N LEU C 66 12.56 25.89 -10.52
CA LEU C 66 13.76 25.84 -11.33
C LEU C 66 14.87 25.08 -10.59
N PRO C 67 15.15 25.37 -9.31
CA PRO C 67 16.07 24.58 -8.52
C PRO C 67 15.81 23.06 -8.58
N PHE C 68 14.57 22.61 -8.50
CA PHE C 68 14.27 21.19 -8.69
C PHE C 68 14.60 20.74 -10.11
N GLN C 69 14.21 21.51 -11.13
CA GLN C 69 14.52 21.15 -12.51
C GLN C 69 16.03 21.05 -12.77
N ARG C 70 16.84 21.97 -12.21
CA ARG C 70 18.30 21.88 -12.33
C ARG C 70 18.78 20.55 -11.78
N LEU C 71 18.39 20.18 -10.56
CA LEU C 71 18.80 18.90 -10.01
C LEU C 71 18.35 17.73 -10.91
N VAL C 72 17.11 17.77 -11.43
CA VAL C 72 16.62 16.72 -12.32
C VAL C 72 17.46 16.64 -13.60
N ARG C 73 17.72 17.75 -14.27
CA ARG C 73 18.52 17.74 -15.51
C ARG C 73 19.95 17.29 -15.24
N GLU C 74 20.56 17.71 -14.14
CA GLU C 74 21.91 17.30 -13.75
C GLU C 74 21.98 15.85 -13.21
N ILE C 75 20.85 15.17 -13.03
CA ILE C 75 20.78 13.71 -12.92
C ILE C 75 20.53 13.06 -14.29
N ALA C 76 19.86 13.73 -15.21
CA ALA C 76 19.56 13.20 -16.54
C ALA C 76 20.74 13.22 -17.52
N GLN C 77 21.42 14.36 -17.67
CA GLN C 77 22.33 14.62 -18.81
C GLN C 77 23.65 13.84 -18.80
N ASP C 78 24.03 13.17 -17.71
CA ASP C 78 25.11 12.18 -17.71
C ASP C 78 24.60 10.74 -17.49
N PHE C 79 23.29 10.52 -17.50
CA PHE C 79 22.69 9.18 -17.59
C PHE C 79 22.46 8.76 -19.05
N LYS C 80 21.76 9.57 -19.87
CA LYS C 80 21.65 9.42 -21.34
C LYS C 80 21.61 10.79 -22.03
N THR C 81 21.75 10.81 -23.36
CA THR C 81 21.85 12.04 -24.17
C THR C 81 20.59 12.91 -24.12
N ASP C 82 20.77 14.18 -23.74
CA ASP C 82 19.86 15.30 -24.03
C ASP C 82 18.37 15.07 -23.69
N LEU C 83 18.05 14.43 -22.56
CA LEU C 83 16.66 14.24 -22.12
C LEU C 83 15.98 15.60 -21.92
N ARG C 84 15.04 15.96 -22.80
CA ARG C 84 14.09 17.04 -22.58
C ARG C 84 12.93 16.55 -21.71
N PHE C 85 12.28 17.42 -20.95
CA PHE C 85 11.15 17.05 -20.09
C PHE C 85 9.96 17.98 -20.29
N GLN C 86 8.76 17.42 -20.46
CA GLN C 86 7.52 18.17 -20.31
C GLN C 86 7.36 18.65 -18.86
N SER C 87 7.02 19.92 -18.67
CA SER C 87 6.87 20.58 -17.37
C SER C 87 6.08 19.75 -16.34
N SER C 88 4.90 19.25 -16.71
CA SER C 88 4.07 18.44 -15.83
C SER C 88 4.74 17.14 -15.37
N ALA C 89 5.60 16.53 -16.17
CA ALA C 89 6.35 15.35 -15.75
C ALA C 89 7.33 15.72 -14.63
N VAL C 90 8.01 16.87 -14.78
CA VAL C 90 8.92 17.37 -13.74
C VAL C 90 8.12 17.66 -12.48
N MET C 91 6.93 18.25 -12.59
CA MET C 91 6.07 18.49 -11.43
C MET C 91 5.62 17.19 -10.76
N ALA C 92 5.29 16.16 -11.55
CA ALA C 92 4.89 14.87 -11.01
C ALA C 92 6.06 14.22 -10.26
N LEU C 93 7.27 14.26 -10.84
CA LEU C 93 8.48 13.83 -10.13
C LEU C 93 8.62 14.60 -8.82
N GLN C 94 8.48 15.93 -8.84
CA GLN C 94 8.60 16.74 -7.64
C GLN C 94 7.57 16.33 -6.56
N GLU C 95 6.30 16.19 -6.92
CA GLU C 95 5.28 15.77 -5.96
C GLU C 95 5.60 14.40 -5.37
N ALA C 96 5.88 13.42 -6.22
CA ALA C 96 6.16 12.06 -5.77
C ALA C 96 7.37 12.01 -4.81
N CYS C 97 8.39 12.79 -5.12
CA CYS C 97 9.58 12.85 -4.29
C CYS C 97 9.33 13.62 -2.99
N GLU C 98 8.66 14.77 -3.02
CA GLU C 98 8.32 15.46 -1.77
C GLU C 98 7.42 14.59 -0.88
N ALA C 99 6.51 13.81 -1.48
CA ALA C 99 5.73 12.83 -0.73
C ALA C 99 6.62 11.75 -0.08
N TYR C 100 7.60 11.20 -0.81
CA TYR C 100 8.58 10.26 -0.25
C TYR C 100 9.26 10.87 0.97
N LEU C 101 9.70 12.12 0.88
CA LEU C 101 10.37 12.81 1.98
C LEU C 101 9.42 13.10 3.16
N VAL C 102 8.18 13.53 2.91
CA VAL C 102 7.20 13.76 3.99
C VAL C 102 6.93 12.46 4.72
N GLY C 103 6.79 11.35 4.00
CA GLY C 103 6.65 10.03 4.60
C GLY C 103 7.88 9.61 5.41
N LEU C 104 9.08 9.88 4.88
CA LEU C 104 10.34 9.59 5.58
C LEU C 104 10.41 10.37 6.90
N PHE C 105 10.08 11.66 6.88
CA PHE C 105 10.07 12.44 8.11
C PHE C 105 8.98 11.97 9.09
N GLU C 106 7.78 11.57 8.63
CA GLU C 106 6.77 11.00 9.51
C GLU C 106 7.32 9.76 10.22
N ASP C 107 7.95 8.85 9.47
CA ASP C 107 8.65 7.71 10.09
C ASP C 107 9.75 8.21 11.03
N THR C 108 10.48 9.26 10.63
CA THR C 108 11.54 9.84 11.45
C THR C 108 11.00 10.34 12.78
N ASN C 109 9.83 10.96 12.82
CA ASN C 109 9.27 11.40 14.09
C ASN C 109 9.06 10.22 15.01
N LEU C 110 8.47 9.15 14.47
CA LEU C 110 8.34 7.92 15.21
C LEU C 110 9.72 7.44 15.69
N CYS C 111 10.75 7.50 14.84
CA CYS C 111 12.08 7.02 15.23
C CYS C 111 12.63 7.81 16.42
N ALA C 112 12.60 9.13 16.36
CA ALA C 112 13.09 9.97 17.44
C ALA C 112 12.22 9.86 18.70
N ILE C 113 10.91 9.94 18.54
CA ILE C 113 9.96 9.90 19.65
C ILE C 113 10.09 8.55 20.37
N HIS C 114 10.18 7.45 19.63
CA HIS C 114 10.39 6.13 20.21
C HIS C 114 11.77 5.98 20.85
N ALA C 115 12.75 6.77 20.41
CA ALA C 115 14.05 6.94 21.07
C ALA C 115 14.07 8.06 22.14
N LYS C 116 12.90 8.51 22.60
CA LYS C 116 12.75 9.48 23.70
C LYS C 116 13.37 10.85 23.40
N ARG C 117 13.39 11.23 22.12
CA ARG C 117 13.84 12.53 21.60
C ARG C 117 12.68 13.26 20.94
N VAL C 118 12.68 14.58 20.97
CA VAL C 118 11.80 15.46 20.18
C VAL C 118 12.66 16.31 19.23
N THR C 119 13.74 15.71 18.75
CA THR C 119 14.73 16.29 17.84
C THR C 119 15.19 15.21 16.89
N ILE C 120 15.41 15.53 15.62
CA ILE C 120 15.91 14.54 14.65
C ILE C 120 17.44 14.53 14.59
N MET C 121 18.02 13.36 14.28
CA MET C 121 19.46 13.17 14.04
C MET C 121 19.67 12.12 12.93
N PRO C 122 20.77 12.15 12.17
CA PRO C 122 20.90 11.36 10.95
C PRO C 122 20.74 9.87 11.16
N LYS C 123 21.33 9.32 12.22
CA LYS C 123 21.16 7.89 12.56
C LYS C 123 19.68 7.56 12.71
N ASP C 124 18.92 8.48 13.28
CA ASP C 124 17.50 8.34 13.52
C ASP C 124 16.65 8.48 12.26
N ILE C 125 17.20 8.97 11.13
CA ILE C 125 16.61 8.71 9.80
C ILE C 125 17.03 7.33 9.31
N GLN C 126 18.30 6.95 9.47
CA GLN C 126 18.90 5.76 8.85
C GLN C 126 18.23 4.42 9.22
N LEU C 127 17.40 4.34 10.27
CA LEU C 127 16.56 3.16 10.50
C LEU C 127 15.63 2.87 9.30
N ALA C 128 15.13 3.90 8.62
CA ALA C 128 14.18 3.76 7.53
C ALA C 128 14.69 2.90 6.37
N ARG C 129 15.89 3.17 5.83
CA ARG C 129 16.42 2.44 4.66
C ARG C 129 16.59 0.93 4.92
N ARG C 130 16.98 0.54 6.13
CA ARG C 130 17.14 -0.88 6.47
C ARG C 130 15.84 -1.55 6.95
N ILE C 131 14.92 -0.83 7.60
CA ILE C 131 13.67 -1.44 8.06
C ILE C 131 12.59 -1.54 6.96
N ARG C 132 12.51 -0.57 6.04
CA ARG C 132 11.45 -0.49 5.03
C ARG C 132 11.62 -1.53 3.92
N GLY C 133 12.79 -1.55 3.27
CA GLY C 133 13.11 -2.49 2.19
C GLY C 133 14.38 -2.11 1.41
N GLU C 134 14.54 -0.84 1.06
CA GLU C 134 15.73 -0.34 0.33
C GLU C 134 17.03 -0.58 1.11
N LEU D 22 26.07 31.01 -11.43
CA LEU D 22 26.02 29.57 -11.81
C LEU D 22 26.45 28.71 -10.62
N ARG D 23 25.67 27.68 -10.27
CA ARG D 23 25.98 26.71 -9.20
C ARG D 23 25.23 25.38 -9.44
N ASP D 24 25.97 24.29 -9.66
CA ASP D 24 25.40 22.97 -9.96
C ASP D 24 25.31 22.05 -8.73
N ASN D 25 25.83 22.50 -7.59
CA ASN D 25 26.21 21.70 -6.42
C ASN D 25 25.04 21.21 -5.53
N ILE D 26 23.88 20.86 -6.11
CA ILE D 26 22.71 20.24 -5.44
C ILE D 26 22.01 21.14 -4.39
N GLN D 27 22.62 22.26 -3.98
CA GLN D 27 22.08 23.25 -3.04
C GLN D 27 20.70 23.83 -3.42
N GLY D 28 20.23 23.63 -4.66
CA GLY D 28 18.85 23.94 -5.03
C GLY D 28 17.82 23.28 -4.11
N ILE D 29 18.14 22.13 -3.52
CA ILE D 29 17.47 21.64 -2.32
C ILE D 29 17.97 22.49 -1.13
N THR D 30 17.29 23.61 -0.91
CA THR D 30 17.70 24.62 0.08
C THR D 30 17.46 24.17 1.52
N LYS D 31 18.20 24.74 2.47
CA LYS D 31 17.84 24.65 3.89
C LYS D 31 16.38 24.99 4.13
N PRO D 32 15.85 26.12 3.63
CA PRO D 32 14.44 26.44 3.75
C PRO D 32 13.49 25.37 3.24
N ALA D 33 13.84 24.66 2.16
CA ALA D 33 12.99 23.60 1.63
C ALA D 33 12.95 22.38 2.58
N ILE D 34 14.12 21.85 2.95
CA ILE D 34 14.16 20.66 3.83
C ILE D 34 13.49 20.97 5.16
N ARG D 35 13.76 22.15 5.74
CA ARG D 35 13.09 22.65 6.93
C ARG D 35 11.58 22.50 6.82
N ARG D 36 10.99 23.00 5.73
CA ARG D 36 9.53 22.92 5.51
C ARG D 36 9.06 21.48 5.28
N LEU D 37 9.82 20.63 4.59
CA LEU D 37 9.46 19.22 4.42
C LEU D 37 9.45 18.49 5.77
N ALA D 38 10.48 18.71 6.58
CA ALA D 38 10.56 18.16 7.92
C ALA D 38 9.36 18.63 8.76
N ARG D 39 9.01 19.91 8.64
CA ARG D 39 7.79 20.40 9.27
C ARG D 39 6.58 19.61 8.81
N ARG D 40 6.34 19.48 7.51
CA ARG D 40 5.11 18.83 7.01
C ARG D 40 5.07 17.33 7.37
N GLY D 41 6.22 16.69 7.50
CA GLY D 41 6.33 15.34 8.05
C GLY D 41 6.08 15.25 9.55
N GLY D 42 5.96 16.37 10.26
CA GLY D 42 5.62 16.39 11.67
C GLY D 42 6.83 16.19 12.58
N VAL D 43 8.00 16.76 12.26
CA VAL D 43 9.17 16.72 13.15
C VAL D 43 9.64 18.11 13.60
N LYS D 44 10.14 18.16 14.84
CA LYS D 44 10.46 19.38 15.58
C LYS D 44 11.90 19.86 15.35
N ARG D 45 12.83 19.67 16.29
CA ARG D 45 14.15 20.33 16.22
C ARG D 45 15.03 19.71 15.15
N ILE D 46 15.77 20.54 14.38
CA ILE D 46 16.53 20.15 13.18
C ILE D 46 18.03 20.47 13.31
N SER D 47 18.83 19.54 13.87
CA SER D 47 20.30 19.68 13.91
C SER D 47 20.92 19.64 12.51
N GLY D 48 21.96 20.43 12.28
CA GLY D 48 22.48 20.72 10.93
C GLY D 48 23.05 19.53 10.14
N LEU D 49 23.31 18.40 10.80
CA LEU D 49 23.85 17.21 10.13
C LEU D 49 22.88 16.59 9.10
N ILE D 50 21.57 16.84 9.24
CA ILE D 50 20.51 16.19 8.46
C ILE D 50 20.49 16.57 6.97
N TYR D 51 20.86 17.80 6.61
CA TYR D 51 20.57 18.32 5.27
C TYR D 51 21.28 17.55 4.15
N GLU D 52 22.57 17.27 4.29
CA GLU D 52 23.35 16.60 3.25
C GLU D 52 22.92 15.13 3.07
N GLU D 53 22.59 14.44 4.17
CA GLU D 53 22.03 13.09 4.15
C GLU D 53 20.65 13.06 3.45
N THR D 54 19.81 14.08 3.68
CA THR D 54 18.49 14.22 3.05
C THR D 54 18.62 14.31 1.53
N ARG D 55 19.56 15.15 1.05
CA ARG D 55 19.86 15.27 -0.39
C ARG D 55 20.23 13.90 -0.99
N GLY D 56 21.01 13.11 -0.26
CA GLY D 56 21.42 11.76 -0.69
C GLY D 56 20.23 10.83 -0.94
N VAL D 57 19.34 10.67 0.04
CA VAL D 57 18.18 9.77 -0.12
C VAL D 57 17.28 10.24 -1.27
N LEU D 58 17.06 11.55 -1.42
CA LEU D 58 16.30 12.10 -2.54
C LEU D 58 16.94 11.72 -3.87
N LYS D 59 18.27 11.90 -4.01
CA LYS D 59 19.00 11.50 -5.22
C LYS D 59 18.77 10.02 -5.54
N VAL D 60 18.93 9.14 -4.55
CA VAL D 60 18.75 7.70 -4.76
C VAL D 60 17.33 7.36 -5.20
N PHE D 61 16.31 8.06 -4.70
CA PHE D 61 14.94 7.85 -5.17
C PHE D 61 14.73 8.32 -6.62
N LEU D 62 15.22 9.50 -7.00
CA LEU D 62 15.20 9.92 -8.41
C LEU D 62 15.96 8.92 -9.29
N GLU D 63 17.12 8.44 -8.83
CA GLU D 63 17.93 7.43 -9.53
C GLU D 63 17.30 6.04 -9.57
N ASN D 64 16.23 5.78 -8.83
CA ASN D 64 15.36 4.63 -9.08
C ASN D 64 14.32 4.99 -10.17
N VAL D 65 13.59 6.09 -9.99
CA VAL D 65 12.43 6.40 -10.84
C VAL D 65 12.84 6.83 -12.25
N ILE D 66 13.73 7.81 -12.37
CA ILE D 66 14.12 8.41 -13.65
C ILE D 66 14.78 7.36 -14.56
N ARG D 67 15.46 6.37 -13.98
CA ARG D 67 16.02 5.20 -14.68
C ARG D 67 14.94 4.50 -15.50
N ASP D 68 13.86 4.08 -14.86
CA ASP D 68 12.76 3.47 -15.58
C ASP D 68 11.98 4.46 -16.44
N ALA D 69 11.87 5.74 -16.05
CA ALA D 69 11.24 6.72 -16.94
C ALA D 69 11.99 6.79 -18.27
N VAL D 70 13.33 6.79 -18.22
CA VAL D 70 14.17 6.66 -19.41
C VAL D 70 13.87 5.37 -20.16
N THR D 71 13.64 4.23 -19.51
CA THR D 71 13.25 3.02 -20.25
C THR D 71 11.90 3.18 -20.93
N TYR D 72 10.94 3.89 -20.34
CA TYR D 72 9.68 4.17 -21.03
C TYR D 72 9.88 5.12 -22.21
N THR D 73 10.67 6.18 -22.05
CA THR D 73 10.96 7.10 -23.15
C THR D 73 11.67 6.40 -24.32
N GLU D 74 12.67 5.56 -24.02
CA GLU D 74 13.48 4.84 -25.01
C GLU D 74 12.76 3.61 -25.60
N HIS D 75 11.76 3.02 -24.95
CA HIS D 75 10.92 1.98 -25.54
C HIS D 75 10.15 2.52 -26.76
N ALA D 76 9.67 3.76 -26.67
CA ALA D 76 9.11 4.50 -27.79
C ALA D 76 10.17 5.17 -28.69
N LYS D 77 11.47 5.08 -28.34
CA LYS D 77 12.59 5.82 -28.97
C LYS D 77 12.39 7.35 -29.06
N ARG D 78 11.59 7.91 -28.15
CA ARG D 78 11.33 9.36 -28.06
C ARG D 78 12.54 10.12 -27.52
N LYS D 79 12.55 11.44 -27.70
CA LYS D 79 13.62 12.35 -27.22
C LYS D 79 13.20 13.29 -26.08
N THR D 80 11.95 13.16 -25.60
CA THR D 80 11.38 13.95 -24.49
C THR D 80 10.63 13.04 -23.50
N VAL D 81 10.84 13.25 -22.21
CA VAL D 81 10.14 12.56 -21.12
C VAL D 81 8.72 13.11 -20.97
N THR D 82 7.71 12.24 -20.99
CA THR D 82 6.30 12.59 -20.74
C THR D 82 5.89 12.36 -19.27
N ALA D 83 4.73 12.88 -18.88
CA ALA D 83 4.12 12.52 -17.60
C ALA D 83 3.86 11.01 -17.49
N MET D 84 3.47 10.35 -18.58
CA MET D 84 3.31 8.89 -18.60
C MET D 84 4.61 8.18 -18.23
N ASP D 85 5.74 8.69 -18.75
CA ASP D 85 7.05 8.07 -18.55
C ASP D 85 7.47 8.07 -17.07
N VAL D 86 7.16 9.13 -16.31
CA VAL D 86 7.33 9.10 -14.84
C VAL D 86 6.24 8.25 -14.16
N VAL D 87 4.98 8.39 -14.56
CA VAL D 87 3.88 7.74 -13.85
C VAL D 87 4.02 6.22 -13.87
N TYR D 88 4.25 5.61 -15.02
CA TYR D 88 4.42 4.16 -15.07
C TYR D 88 5.69 3.68 -14.37
N ALA D 89 6.76 4.47 -14.36
CA ALA D 89 7.97 4.15 -13.59
C ALA D 89 7.67 4.13 -12.08
N LEU D 90 6.98 5.14 -11.55
CA LEU D 90 6.51 5.12 -10.16
C LEU D 90 5.60 3.91 -9.90
N LYS D 91 4.71 3.59 -10.85
CA LYS D 91 3.75 2.49 -10.71
C LYS D 91 4.44 1.13 -10.61
N ARG D 92 5.39 0.84 -11.51
CA ARG D 92 6.13 -0.44 -11.47
C ARG D 92 7.06 -0.56 -10.26
N GLN D 93 7.49 0.57 -9.70
CA GLN D 93 8.27 0.63 -8.46
C GLN D 93 7.39 0.75 -7.18
N GLY D 94 6.07 0.59 -7.32
CA GLY D 94 5.12 0.41 -6.23
C GLY D 94 4.64 1.68 -5.50
N ARG D 95 5.36 2.81 -5.62
CA ARG D 95 4.98 4.09 -4.99
C ARG D 95 4.03 4.87 -5.91
N THR D 96 2.85 4.30 -6.13
CA THR D 96 1.89 4.73 -7.17
C THR D 96 1.36 6.16 -7.00
N LEU D 97 0.94 6.79 -8.10
CA LEU D 97 0.54 8.20 -8.15
C LEU D 97 -0.75 8.39 -8.95
N TYR D 98 -1.65 9.22 -8.46
CA TYR D 98 -2.84 9.70 -9.19
C TYR D 98 -2.65 11.14 -9.71
N GLY D 99 -3.56 11.60 -10.57
CA GLY D 99 -3.65 13.01 -11.00
C GLY D 99 -3.03 13.33 -12.36
N PHE D 100 -2.53 12.32 -13.08
CA PHE D 100 -1.78 12.48 -14.33
C PHE D 100 -2.09 11.41 -15.39
N GLY D 101 -3.21 10.69 -15.25
CA GLY D 101 -3.46 9.45 -16.01
C GLY D 101 -2.59 8.29 -15.51
N GLY D 102 -2.35 7.30 -16.36
CA GLY D 102 -1.62 6.05 -16.06
C GLY D 102 -2.46 5.01 -15.32
N ARG E 43 25.00 -21.13 37.09
CA ARG E 43 23.78 -20.98 37.88
C ARG E 43 23.03 -19.82 37.35
N PRO E 44 23.44 -18.57 37.58
CA PRO E 44 23.11 -17.60 36.58
C PRO E 44 23.71 -18.11 35.31
N GLY E 45 23.16 -17.69 34.20
CA GLY E 45 23.89 -17.84 32.97
C GLY E 45 25.16 -16.98 32.98
N THR E 46 26.00 -17.15 31.95
CA THR E 46 26.92 -16.13 31.39
C THR E 46 27.23 -16.43 29.93
N VAL E 47 27.55 -15.40 29.13
CA VAL E 47 27.86 -15.48 27.67
C VAL E 47 26.82 -16.32 26.91
N ALA E 48 25.56 -15.84 26.89
CA ALA E 48 24.36 -16.58 26.47
C ALA E 48 24.20 -16.83 24.94
N LEU E 49 25.29 -16.94 24.17
CA LEU E 49 25.29 -17.05 22.70
C LEU E 49 24.94 -18.45 22.15
N ARG E 50 24.78 -19.48 23.00
CA ARG E 50 24.73 -20.89 22.57
C ARG E 50 23.59 -21.23 21.59
N GLU E 51 22.43 -20.61 21.73
CA GLU E 51 21.30 -20.77 20.79
C GLU E 51 21.57 -20.09 19.43
N ILE E 52 22.26 -18.94 19.43
CA ILE E 52 22.64 -18.19 18.21
C ILE E 52 23.55 -19.03 17.31
N ARG E 53 24.41 -19.83 17.93
CA ARG E 53 25.33 -20.78 17.28
C ARG E 53 24.71 -22.16 16.98
N ARG E 54 23.38 -22.30 17.08
CA ARG E 54 22.61 -23.49 16.66
C ARG E 54 21.54 -23.15 15.61
N TYR E 55 20.54 -22.32 15.95
CA TYR E 55 19.33 -22.16 15.14
C TYR E 55 19.53 -21.40 13.81
N GLN E 56 20.67 -20.73 13.60
CA GLN E 56 21.06 -20.13 12.31
C GLN E 56 22.02 -21.02 11.47
N LYS E 57 22.43 -22.19 11.99
CA LYS E 57 23.33 -23.15 11.29
C LYS E 57 22.60 -24.06 10.28
N SER E 58 21.31 -24.34 10.49
CA SER E 58 20.48 -25.19 9.62
C SER E 58 19.00 -24.80 9.65
N THR E 59 18.26 -25.17 8.61
CA THR E 59 16.82 -24.83 8.42
C THR E 59 15.88 -25.82 9.14
N GLU E 60 16.15 -26.13 10.41
CA GLU E 60 15.22 -26.87 11.29
C GLU E 60 13.86 -26.16 11.42
N LEU E 61 12.80 -26.90 11.72
CA LEU E 61 11.43 -26.42 11.91
C LEU E 61 11.07 -26.38 13.40
N LEU E 62 10.49 -25.28 13.90
CA LEU E 62 10.51 -24.93 15.33
C LEU E 62 9.18 -25.15 16.08
N ILE E 63 8.03 -25.07 15.42
CA ILE E 63 6.72 -25.40 16.01
C ILE E 63 6.40 -26.88 15.79
N ARG E 64 5.64 -27.49 16.71
CA ARG E 64 5.24 -28.90 16.63
C ARG E 64 3.93 -29.06 15.86
N LYS E 65 3.78 -30.16 15.13
CA LYS E 65 2.84 -30.24 13.99
C LYS E 65 1.37 -30.20 14.41
N LEU E 66 0.92 -31.17 15.19
CA LEU E 66 -0.49 -31.35 15.54
C LEU E 66 -1.18 -30.12 16.17
N PRO E 67 -0.58 -29.38 17.13
CA PRO E 67 -1.25 -28.20 17.68
C PRO E 67 -1.39 -27.10 16.63
N PHE E 68 -0.39 -26.92 15.76
CA PHE E 68 -0.50 -25.98 14.65
C PHE E 68 -1.55 -26.44 13.64
N GLN E 69 -1.64 -27.76 13.44
CA GLN E 69 -2.65 -28.35 12.57
C GLN E 69 -4.06 -28.01 13.04
N ARG E 70 -4.43 -28.29 14.31
CA ARG E 70 -5.75 -27.84 14.81
C ARG E 70 -5.87 -26.32 14.77
N LEU E 71 -4.79 -25.57 15.01
CA LEU E 71 -4.85 -24.11 15.06
C LEU E 71 -5.31 -23.51 13.73
N VAL E 72 -4.64 -23.83 12.63
CA VAL E 72 -5.03 -23.23 11.35
C VAL E 72 -6.43 -23.67 10.96
N ARG E 73 -6.78 -24.94 11.24
CA ARG E 73 -8.08 -25.53 10.88
C ARG E 73 -9.21 -24.87 11.65
N GLU E 74 -9.06 -24.74 12.96
CA GLU E 74 -10.04 -24.04 13.80
C GLU E 74 -10.10 -22.54 13.46
N ILE E 75 -9.03 -21.94 12.95
CA ILE E 75 -9.05 -20.57 12.45
C ILE E 75 -9.74 -20.46 11.09
N ALA E 76 -9.54 -21.42 10.18
CA ALA E 76 -10.20 -21.44 8.89
C ALA E 76 -11.74 -21.53 8.99
N GLN E 77 -12.25 -22.40 9.87
CA GLN E 77 -13.68 -22.76 9.87
C GLN E 77 -14.62 -21.62 10.25
N ASP E 78 -14.14 -20.54 10.88
CA ASP E 78 -14.95 -19.32 11.11
C ASP E 78 -15.31 -18.58 9.80
N PHE E 79 -14.61 -18.85 8.69
CA PHE E 79 -15.14 -18.55 7.36
C PHE E 79 -16.02 -19.68 6.82
N LYS E 80 -15.50 -20.92 6.78
CA LYS E 80 -16.15 -22.06 6.11
C LYS E 80 -15.73 -23.40 6.74
N THR E 81 -16.67 -24.12 7.35
CA THR E 81 -16.43 -25.48 7.88
C THR E 81 -16.62 -26.57 6.82
N ASP E 82 -16.48 -27.85 7.19
CA ASP E 82 -16.48 -29.02 6.30
C ASP E 82 -15.41 -28.97 5.20
N LEU E 83 -14.36 -28.18 5.41
CA LEU E 83 -13.14 -28.24 4.62
C LEU E 83 -12.44 -29.59 4.81
N ARG E 84 -11.51 -29.87 3.91
CA ARG E 84 -10.43 -30.84 4.10
C ARG E 84 -9.11 -30.10 3.93
N PHE E 85 -8.03 -30.53 4.58
CA PHE E 85 -6.77 -29.77 4.59
C PHE E 85 -5.58 -30.61 4.17
N GLN E 86 -4.85 -30.21 3.12
CA GLN E 86 -3.62 -30.92 2.75
C GLN E 86 -2.56 -30.71 3.83
N SER E 87 -1.99 -31.80 4.33
CA SER E 87 -0.94 -31.77 5.36
C SER E 87 0.28 -30.95 4.91
N SER E 88 0.60 -31.03 3.61
CA SER E 88 1.60 -30.20 2.96
C SER E 88 1.24 -28.71 3.05
N ALA E 89 -0.01 -28.34 2.71
CA ALA E 89 -0.47 -26.96 2.72
C ALA E 89 -0.39 -26.32 4.12
N VAL E 90 -0.87 -26.99 5.18
CA VAL E 90 -0.76 -26.44 6.53
C VAL E 90 0.69 -26.29 6.96
N MET E 91 1.54 -27.29 6.76
CA MET E 91 2.91 -27.17 7.24
C MET E 91 3.77 -26.25 6.37
N ALA E 92 3.43 -26.05 5.09
CA ALA E 92 3.99 -24.96 4.30
C ALA E 92 3.64 -23.60 4.92
N LEU E 93 2.40 -23.39 5.38
CA LEU E 93 2.08 -22.20 6.16
C LEU E 93 2.85 -22.17 7.49
N GLN E 94 3.14 -23.31 8.13
CA GLN E 94 4.03 -23.30 9.29
C GLN E 94 5.41 -22.74 8.90
N GLU E 95 6.01 -23.22 7.81
CA GLU E 95 7.28 -22.66 7.33
C GLU E 95 7.19 -21.14 7.09
N ALA E 96 6.13 -20.69 6.41
CA ALA E 96 5.94 -19.27 6.11
C ALA E 96 5.74 -18.43 7.39
N CYS E 97 4.99 -18.94 8.37
CA CYS E 97 4.82 -18.31 9.67
C CYS E 97 6.15 -18.23 10.42
N GLU E 98 6.95 -19.28 10.39
CA GLU E 98 8.26 -19.28 11.04
C GLU E 98 9.23 -18.30 10.36
N ALA E 99 9.35 -18.32 9.04
CA ALA E 99 10.20 -17.37 8.32
C ALA E 99 9.73 -15.91 8.54
N TYR E 100 8.41 -15.69 8.53
CA TYR E 100 7.83 -14.39 8.86
C TYR E 100 8.12 -14.00 10.32
N LEU E 101 8.13 -14.95 11.26
CA LEU E 101 8.54 -14.69 12.65
C LEU E 101 10.02 -14.36 12.77
N VAL E 102 10.91 -14.92 11.95
CA VAL E 102 12.27 -14.36 11.84
C VAL E 102 12.18 -12.90 11.40
N GLY E 103 11.38 -12.62 10.37
CA GLY E 103 11.06 -11.26 9.91
C GLY E 103 10.28 -10.36 10.90
N LEU E 104 9.85 -10.88 12.05
CA LEU E 104 9.18 -10.14 13.13
C LEU E 104 10.11 -9.91 14.33
N PHE E 105 11.36 -10.38 14.25
CA PHE E 105 12.40 -10.14 15.25
C PHE E 105 13.67 -9.55 14.66
N GLU E 106 14.14 -10.03 13.49
CA GLU E 106 15.46 -9.78 12.89
C GLU E 106 15.92 -8.31 12.99
N ASP E 107 15.11 -7.37 12.48
CA ASP E 107 15.36 -5.93 12.56
C ASP E 107 14.41 -5.23 13.55
N THR E 108 13.47 -5.95 14.15
CA THR E 108 12.67 -5.43 15.26
C THR E 108 13.54 -5.19 16.48
N ASN E 109 14.47 -6.10 16.77
CA ASN E 109 15.44 -5.87 17.82
C ASN E 109 16.39 -4.70 17.48
N LEU E 110 16.66 -4.42 16.20
CA LEU E 110 17.40 -3.22 15.81
C LEU E 110 16.60 -1.95 16.15
N CYS E 111 15.27 -1.97 16.07
CA CYS E 111 14.47 -0.81 16.46
C CYS E 111 14.64 -0.49 17.95
N ALA E 112 14.64 -1.51 18.82
CA ALA E 112 14.94 -1.32 20.24
C ALA E 112 16.36 -0.79 20.44
N ILE E 113 17.32 -1.33 19.69
CA ILE E 113 18.69 -0.84 19.71
C ILE E 113 18.71 0.64 19.32
N HIS E 114 17.93 1.09 18.35
CA HIS E 114 17.83 2.52 18.02
C HIS E 114 17.24 3.33 19.19
N ALA E 115 16.26 2.78 19.88
CA ALA E 115 15.74 3.35 21.11
C ALA E 115 16.72 3.25 22.30
N LYS E 116 17.87 2.61 22.13
CA LYS E 116 18.83 2.24 23.18
C LYS E 116 18.22 1.38 24.28
N ARG E 117 17.34 0.44 23.91
CA ARG E 117 17.05 -0.75 24.69
C ARG E 117 17.68 -1.97 24.02
N VAL E 118 18.40 -2.76 24.79
CA VAL E 118 18.79 -4.13 24.41
C VAL E 118 17.58 -5.08 24.52
N THR E 119 16.60 -4.68 25.31
CA THR E 119 15.44 -5.46 25.64
C THR E 119 14.27 -5.03 24.77
N ILE E 120 13.75 -5.91 23.93
CA ILE E 120 12.53 -5.56 23.21
C ILE E 120 11.35 -5.42 24.17
N MET E 121 10.49 -4.44 23.92
CA MET E 121 9.23 -4.20 24.62
C MET E 121 8.10 -4.08 23.59
N PRO E 122 6.85 -4.46 23.90
CA PRO E 122 5.78 -4.60 22.91
C PRO E 122 5.63 -3.41 21.96
N LYS E 123 5.79 -2.19 22.47
CA LYS E 123 5.72 -0.97 21.67
C LYS E 123 6.72 -0.91 20.51
N ASP E 124 7.80 -1.67 20.56
CA ASP E 124 8.72 -1.82 19.43
C ASP E 124 8.02 -2.39 18.21
N ILE E 125 7.14 -3.38 18.40
CA ILE E 125 6.37 -3.91 17.28
C ILE E 125 5.48 -2.80 16.75
N GLN E 126 4.86 -2.04 17.65
CA GLN E 126 4.01 -0.92 17.26
C GLN E 126 4.80 0.18 16.52
N LEU E 127 6.13 0.23 16.64
CA LEU E 127 6.99 1.02 15.76
C LEU E 127 7.24 0.30 14.43
N ALA E 128 7.96 -0.82 14.47
CA ALA E 128 8.48 -1.45 13.27
C ALA E 128 7.35 -1.87 12.32
N ARG E 129 6.28 -2.46 12.86
CA ARG E 129 5.15 -2.97 12.11
C ARG E 129 4.25 -1.84 11.56
N ARG E 130 4.24 -0.65 12.19
CA ARG E 130 3.62 0.55 11.58
C ARG E 130 4.45 1.08 10.43
N ILE E 131 5.78 1.10 10.54
CA ILE E 131 6.64 1.54 9.42
C ILE E 131 6.49 0.59 8.22
N ARG E 132 6.39 -0.73 8.43
CA ARG E 132 6.07 -1.68 7.33
C ARG E 132 4.63 -1.63 6.83
N GLY E 133 3.74 -0.92 7.53
CA GLY E 133 2.35 -0.67 7.11
C GLY E 133 1.38 -1.84 7.35
N GLU E 134 1.72 -2.81 8.19
CA GLU E 134 0.90 -4.01 8.38
C GLU E 134 -0.24 -3.86 9.42
N ARG E 135 -0.33 -2.72 10.13
CA ARG E 135 -1.27 -2.51 11.26
C ARG E 135 -1.98 -1.14 11.29
N ALA E 136 -2.00 -0.40 10.18
CA ALA E 136 -2.65 0.93 10.04
C ALA E 136 -3.16 1.22 8.61
N ASN F 25 -7.82 -22.87 19.92
CA ASN F 25 -6.66 -23.05 20.83
C ASN F 25 -5.40 -22.38 20.28
N ILE F 26 -5.29 -21.05 20.35
CA ILE F 26 -4.07 -20.32 19.97
C ILE F 26 -2.90 -20.58 20.92
N GLN F 27 -3.12 -21.05 22.15
CA GLN F 27 -2.06 -21.27 23.12
C GLN F 27 -1.04 -22.37 22.74
N GLY F 28 -1.31 -23.16 21.68
CA GLY F 28 -0.36 -24.14 21.15
C GLY F 28 0.96 -23.54 20.64
N ILE F 29 1.00 -22.25 20.28
CA ILE F 29 2.27 -21.54 20.11
C ILE F 29 2.85 -21.23 21.49
N THR F 30 3.75 -22.10 21.93
CA THR F 30 4.34 -22.15 23.28
C THR F 30 5.47 -21.13 23.46
N LYS F 31 5.83 -20.78 24.71
CA LYS F 31 6.95 -19.85 24.97
C LYS F 31 8.25 -20.30 24.31
N PRO F 32 8.71 -21.55 24.44
CA PRO F 32 10.00 -21.94 23.88
C PRO F 32 10.01 -21.88 22.35
N ALA F 33 8.88 -22.10 21.67
CA ALA F 33 8.78 -21.92 20.23
C ALA F 33 9.15 -20.48 19.81
N ILE F 34 8.64 -19.48 20.52
CA ILE F 34 8.97 -18.09 20.23
C ILE F 34 10.41 -17.74 20.65
N ARG F 35 10.92 -18.29 21.77
CA ARG F 35 12.36 -18.19 22.10
C ARG F 35 13.22 -18.68 20.94
N ARG F 36 12.96 -19.90 20.44
CA ARG F 36 13.71 -20.53 19.34
C ARG F 36 13.66 -19.66 18.08
N LEU F 37 12.47 -19.19 17.69
CA LEU F 37 12.31 -18.32 16.52
C LEU F 37 13.11 -17.03 16.65
N ALA F 38 12.97 -16.35 17.78
CA ALA F 38 13.69 -15.11 18.02
C ALA F 38 15.22 -15.33 18.08
N ARG F 39 15.68 -16.47 18.59
CA ARG F 39 17.10 -16.79 18.65
C ARG F 39 17.68 -17.22 17.29
N ARG F 40 16.89 -17.81 16.38
CA ARG F 40 17.24 -17.86 14.95
C ARG F 40 17.40 -16.45 14.37
N GLY F 41 16.49 -15.54 14.75
CA GLY F 41 16.56 -14.10 14.44
C GLY F 41 17.65 -13.32 15.19
N GLY F 42 18.44 -13.98 16.05
CA GLY F 42 19.59 -13.38 16.74
C GLY F 42 19.27 -12.53 17.97
N VAL F 43 18.07 -12.58 18.55
CA VAL F 43 17.70 -11.68 19.67
C VAL F 43 18.52 -11.91 20.94
N LYS F 44 18.66 -10.85 21.73
CA LYS F 44 19.19 -10.88 23.11
C LYS F 44 18.04 -10.84 24.12
N ARG F 45 17.75 -9.66 24.72
CA ARG F 45 16.80 -9.51 25.83
C ARG F 45 15.35 -9.29 25.39
N ILE F 46 14.44 -9.83 26.19
CA ILE F 46 12.98 -9.63 26.14
C ILE F 46 12.45 -9.30 27.54
N SER F 47 11.33 -8.60 27.65
CA SER F 47 10.54 -8.51 28.87
C SER F 47 9.29 -9.37 28.69
N GLY F 48 8.92 -10.19 29.67
CA GLY F 48 7.97 -11.32 29.47
C GLY F 48 6.60 -10.93 28.91
N LEU F 49 6.20 -9.68 29.15
CA LEU F 49 5.04 -9.00 28.57
C LEU F 49 5.03 -8.91 27.03
N ILE F 50 6.14 -9.25 26.36
CA ILE F 50 6.24 -9.43 24.91
C ILE F 50 5.31 -10.53 24.38
N TYR F 51 5.35 -11.71 24.98
CA TYR F 51 4.93 -12.91 24.26
C TYR F 51 3.43 -12.99 24.03
N GLU F 52 2.61 -12.65 25.03
CA GLU F 52 1.16 -12.83 24.93
C GLU F 52 0.53 -11.90 23.88
N GLU F 53 1.07 -10.70 23.68
CA GLU F 53 0.64 -9.83 22.57
C GLU F 53 1.22 -10.28 21.23
N THR F 54 2.45 -10.80 21.22
CA THR F 54 3.08 -11.34 20.01
C THR F 54 2.38 -12.59 19.46
N ARG F 55 1.82 -13.43 20.33
CA ARG F 55 0.88 -14.50 19.96
C ARG F 55 -0.32 -13.94 19.18
N GLY F 56 -0.87 -12.81 19.61
CA GLY F 56 -1.94 -12.09 18.91
C GLY F 56 -1.51 -11.58 17.53
N VAL F 57 -0.30 -11.07 17.40
CA VAL F 57 0.25 -10.65 16.09
C VAL F 57 0.37 -11.84 15.14
N LEU F 58 0.92 -12.97 15.60
CA LEU F 58 0.99 -14.17 14.78
C LEU F 58 -0.41 -14.71 14.46
N LYS F 59 -1.33 -14.69 15.42
CA LYS F 59 -2.74 -15.05 15.20
C LYS F 59 -3.34 -14.25 14.03
N VAL F 60 -3.20 -12.92 13.98
CA VAL F 60 -3.76 -12.15 12.85
C VAL F 60 -3.01 -12.39 11.53
N PHE F 61 -1.69 -12.57 11.56
CA PHE F 61 -0.91 -12.92 10.37
C PHE F 61 -1.39 -14.26 9.78
N LEU F 62 -1.44 -15.28 10.63
CA LEU F 62 -1.85 -16.63 10.32
C LEU F 62 -3.30 -16.65 9.79
N GLU F 63 -4.20 -15.94 10.45
CA GLU F 63 -5.58 -15.82 10.00
C GLU F 63 -5.68 -15.18 8.60
N ASN F 64 -4.95 -14.10 8.34
CA ASN F 64 -4.96 -13.47 7.03
C ASN F 64 -4.48 -14.43 5.93
N VAL F 65 -3.35 -15.12 6.12
CA VAL F 65 -2.84 -16.04 5.07
C VAL F 65 -3.75 -17.26 4.90
N ILE F 66 -4.40 -17.74 5.97
CA ILE F 66 -5.39 -18.82 5.86
C ILE F 66 -6.59 -18.39 5.02
N ARG F 67 -7.27 -17.29 5.38
CA ARG F 67 -8.54 -16.92 4.74
C ARG F 67 -8.35 -16.63 3.25
N ASP F 68 -7.26 -15.96 2.89
CA ASP F 68 -6.89 -15.76 1.49
C ASP F 68 -6.66 -17.10 0.78
N ALA F 69 -5.86 -18.02 1.35
CA ALA F 69 -5.61 -19.30 0.72
C ALA F 69 -6.88 -20.13 0.53
N VAL F 70 -7.66 -20.32 1.59
CA VAL F 70 -8.87 -21.17 1.55
C VAL F 70 -9.87 -20.67 0.51
N THR F 71 -9.95 -19.35 0.30
CA THR F 71 -10.85 -18.75 -0.69
C THR F 71 -10.61 -19.33 -2.08
N TYR F 72 -9.36 -19.41 -2.54
CA TYR F 72 -9.07 -19.98 -3.87
C TYR F 72 -9.61 -21.42 -3.97
N THR F 73 -9.39 -22.22 -2.93
CA THR F 73 -9.87 -23.61 -2.88
C THR F 73 -11.39 -23.65 -3.02
N GLU F 74 -12.12 -22.97 -2.13
CA GLU F 74 -13.57 -23.04 -2.15
C GLU F 74 -14.16 -22.42 -3.41
N HIS F 75 -13.57 -21.35 -3.94
CA HIS F 75 -13.99 -20.77 -5.21
C HIS F 75 -13.83 -21.76 -6.36
N ALA F 76 -12.71 -22.47 -6.41
CA ALA F 76 -12.51 -23.56 -7.36
C ALA F 76 -13.34 -24.82 -7.05
N LYS F 77 -14.30 -24.75 -6.11
CA LYS F 77 -15.25 -25.80 -5.72
C LYS F 77 -14.62 -27.01 -5.02
N ARG F 78 -13.31 -27.17 -5.08
CA ARG F 78 -12.55 -28.10 -4.23
C ARG F 78 -12.78 -27.71 -2.77
N LYS F 79 -13.00 -28.70 -1.91
CA LYS F 79 -13.18 -28.54 -0.45
C LYS F 79 -11.85 -28.72 0.29
N THR F 80 -10.89 -29.31 -0.39
CA THR F 80 -9.54 -29.61 0.09
C THR F 80 -8.62 -28.40 -0.10
N VAL F 81 -8.23 -27.80 1.02
CA VAL F 81 -7.29 -26.68 1.09
C VAL F 81 -5.96 -27.09 0.47
N THR F 82 -5.71 -26.51 -0.71
CA THR F 82 -4.65 -26.98 -1.59
C THR F 82 -3.37 -26.18 -1.43
N ALA F 83 -2.21 -26.82 -1.42
CA ALA F 83 -0.94 -26.13 -1.27
C ALA F 83 -0.68 -25.09 -2.37
N MET F 84 -1.18 -25.29 -3.60
CA MET F 84 -1.21 -24.25 -4.64
C MET F 84 -1.87 -22.97 -4.12
N ASP F 85 -2.98 -23.11 -3.43
CA ASP F 85 -3.75 -21.98 -2.92
C ASP F 85 -3.05 -21.31 -1.74
N VAL F 86 -2.20 -22.04 -1.00
CA VAL F 86 -1.26 -21.43 -0.05
C VAL F 86 -0.19 -20.61 -0.77
N VAL F 87 0.38 -21.11 -1.87
CA VAL F 87 1.35 -20.34 -2.67
C VAL F 87 0.67 -19.08 -3.23
N TYR F 88 -0.51 -19.21 -3.85
CA TYR F 88 -1.23 -18.06 -4.40
C TYR F 88 -1.67 -17.03 -3.34
N ALA F 89 -1.78 -17.41 -2.07
CA ALA F 89 -1.97 -16.45 -0.98
C ALA F 89 -0.66 -15.72 -0.65
N LEU F 90 0.43 -16.44 -0.40
CA LEU F 90 1.72 -15.85 -0.07
C LEU F 90 2.27 -14.99 -1.22
N LYS F 91 1.99 -15.39 -2.47
CA LYS F 91 2.30 -14.65 -3.71
C LYS F 91 1.62 -13.27 -3.77
N ARG F 92 0.45 -13.09 -3.16
CA ARG F 92 -0.25 -11.80 -3.09
C ARG F 92 0.39 -10.83 -2.07
N GLN F 93 1.17 -11.36 -1.12
CA GLN F 93 2.16 -10.59 -0.36
C GLN F 93 3.60 -10.72 -0.93
N GLY F 94 3.76 -11.25 -2.15
CA GLY F 94 5.03 -11.38 -2.86
C GLY F 94 5.99 -12.46 -2.34
N ARG F 95 5.66 -13.17 -1.25
CA ARG F 95 6.54 -14.11 -0.54
C ARG F 95 6.55 -15.50 -1.19
N THR F 96 6.99 -15.53 -2.45
CA THR F 96 6.98 -16.72 -3.32
C THR F 96 7.84 -17.85 -2.74
N LEU F 97 7.41 -19.11 -2.94
CA LEU F 97 8.21 -20.31 -2.72
C LEU F 97 7.82 -21.42 -3.71
N TYR F 98 8.75 -22.31 -4.02
CA TYR F 98 8.58 -23.43 -4.97
C TYR F 98 8.44 -24.78 -4.26
N GLY F 99 8.35 -25.88 -5.04
CA GLY F 99 8.15 -27.24 -4.56
C GLY F 99 6.67 -27.62 -4.37
N PHE F 100 5.85 -26.69 -3.89
CA PHE F 100 4.39 -26.81 -3.77
C PHE F 100 3.63 -26.54 -5.08
N GLY F 101 4.15 -27.06 -6.21
CA GLY F 101 3.49 -27.05 -7.53
C GLY F 101 3.68 -25.80 -8.40
N GLY F 102 4.45 -24.80 -7.95
CA GLY F 102 4.75 -23.56 -8.68
C GLY F 102 5.62 -23.75 -9.93
N ARG G 11 -34.74 -5.62 -34.82
CA ARG G 11 -33.93 -4.41 -35.11
C ARG G 11 -34.70 -3.18 -34.62
N ALA G 12 -34.15 -2.45 -33.66
CA ALA G 12 -34.79 -1.32 -32.98
C ALA G 12 -33.77 -0.36 -32.37
N LYS G 13 -34.23 0.82 -31.92
CA LYS G 13 -33.41 1.82 -31.23
C LYS G 13 -32.70 1.23 -30.01
N ALA G 14 -31.42 1.55 -29.81
CA ALA G 14 -30.57 0.85 -28.86
C ALA G 14 -30.69 1.36 -27.40
N LYS G 15 -30.17 0.55 -26.48
CA LYS G 15 -30.03 0.83 -25.04
C LYS G 15 -28.71 0.28 -24.52
N THR G 16 -28.10 0.88 -23.50
CA THR G 16 -26.91 0.29 -22.84
C THR G 16 -27.33 -0.92 -22.00
N ARG G 17 -26.48 -1.95 -21.91
CA ARG G 17 -26.75 -3.14 -21.09
C ARG G 17 -26.95 -2.78 -19.62
N SER G 18 -26.28 -1.73 -19.16
CA SER G 18 -26.40 -1.15 -17.82
C SER G 18 -27.85 -0.81 -17.44
N SER G 19 -28.65 -0.33 -18.39
CA SER G 19 -30.07 -0.01 -18.17
C SER G 19 -30.91 -1.23 -17.80
N ARG G 20 -30.60 -2.41 -18.36
CA ARG G 20 -31.20 -3.69 -17.96
C ARG G 20 -30.58 -4.21 -16.65
N ALA G 21 -29.28 -3.98 -16.43
CA ALA G 21 -28.57 -4.32 -15.20
C ALA G 21 -29.00 -3.51 -13.95
N GLY G 22 -29.63 -2.35 -14.12
CA GLY G 22 -29.88 -1.43 -13.00
C GLY G 22 -28.63 -0.70 -12.54
N LEU G 23 -27.69 -0.47 -13.46
CA LEU G 23 -26.46 0.29 -13.24
C LEU G 23 -26.41 1.54 -14.09
N GLN G 24 -25.73 2.55 -13.58
CA GLN G 24 -25.47 3.80 -14.27
C GLN G 24 -24.09 3.82 -14.95
N PHE G 25 -23.14 2.95 -14.54
CA PHE G 25 -21.83 2.82 -15.16
C PHE G 25 -21.82 2.03 -16.48
N PRO G 26 -20.86 2.31 -17.39
CA PRO G 26 -20.94 1.88 -18.77
C PRO G 26 -20.27 0.52 -19.04
N VAL G 27 -21.02 -0.56 -18.83
CA VAL G 27 -20.56 -1.95 -19.00
C VAL G 27 -19.90 -2.20 -20.36
N GLY G 28 -20.39 -1.58 -21.43
CA GLY G 28 -19.88 -1.80 -22.79
C GLY G 28 -18.40 -1.44 -22.97
N ARG G 29 -18.00 -0.23 -22.55
CA ARG G 29 -16.58 0.15 -22.58
C ARG G 29 -15.75 -0.61 -21.57
N VAL G 30 -16.34 -1.12 -20.48
CA VAL G 30 -15.63 -2.07 -19.60
C VAL G 30 -15.29 -3.34 -20.39
N HIS G 31 -16.26 -3.89 -21.11
CA HIS G 31 -16.04 -5.02 -22.01
C HIS G 31 -14.93 -4.69 -23.02
N ARG G 32 -14.97 -3.49 -23.61
CA ARG G 32 -13.90 -3.02 -24.52
C ARG G 32 -12.55 -2.95 -23.83
N LEU G 33 -12.47 -2.39 -22.62
CA LEU G 33 -11.23 -2.25 -21.89
C LEU G 33 -10.66 -3.61 -21.52
N LEU G 34 -11.49 -4.59 -21.18
CA LEU G 34 -11.03 -5.96 -20.99
C LEU G 34 -10.46 -6.52 -22.29
N ARG G 35 -11.18 -6.35 -23.40
CA ARG G 35 -10.84 -6.94 -24.70
C ARG G 35 -9.59 -6.31 -25.31
N LYS G 36 -9.52 -4.98 -25.31
CA LYS G 36 -8.33 -4.21 -25.66
C LYS G 36 -7.20 -4.46 -24.67
N GLY G 37 -7.54 -4.74 -23.40
CA GLY G 37 -6.60 -5.22 -22.38
C GLY G 37 -6.10 -6.64 -22.61
N ASN G 38 -6.72 -7.40 -23.52
CA ASN G 38 -6.29 -8.74 -23.93
C ASN G 38 -6.22 -9.77 -22.77
N TYR G 39 -7.03 -9.58 -21.71
CA TYR G 39 -6.89 -10.31 -20.45
C TYR G 39 -7.22 -11.81 -20.50
N SER G 40 -7.96 -12.28 -21.51
CA SER G 40 -8.20 -13.70 -21.76
C SER G 40 -8.80 -13.93 -23.16
N GLU G 41 -8.76 -15.18 -23.64
CA GLU G 41 -9.24 -15.56 -24.97
C GLU G 41 -10.73 -15.30 -25.18
N ARG G 42 -11.52 -15.45 -24.11
CA ARG G 42 -12.95 -15.15 -24.06
C ARG G 42 -13.25 -14.41 -22.77
N VAL G 43 -14.43 -13.78 -22.66
CA VAL G 43 -14.83 -12.96 -21.51
C VAL G 43 -16.29 -13.23 -21.17
N GLY G 44 -16.56 -13.83 -20.01
CA GLY G 44 -17.93 -14.03 -19.52
C GLY G 44 -18.67 -12.70 -19.35
N ALA G 45 -19.85 -12.56 -19.94
CA ALA G 45 -20.63 -11.33 -19.93
C ALA G 45 -20.98 -10.86 -18.51
N GLY G 46 -21.07 -11.80 -17.56
CA GLY G 46 -21.28 -11.46 -16.15
C GLY G 46 -20.14 -10.62 -15.59
N ALA G 47 -18.91 -10.80 -16.04
CA ALA G 47 -17.76 -10.11 -15.48
C ALA G 47 -17.84 -8.57 -15.60
N PRO G 48 -17.98 -7.95 -16.79
CA PRO G 48 -17.98 -6.49 -16.89
C PRO G 48 -19.22 -5.90 -16.23
N VAL G 49 -20.35 -6.60 -16.27
CA VAL G 49 -21.58 -6.17 -15.59
C VAL G 49 -21.33 -6.03 -14.09
N TYR G 50 -20.71 -7.03 -13.48
CA TYR G 50 -20.34 -6.96 -12.07
C TYR G 50 -19.31 -5.86 -11.83
N LEU G 51 -18.32 -5.73 -12.73
CA LEU G 51 -17.23 -4.76 -12.58
C LEU G 51 -17.76 -3.33 -12.52
N ALA G 52 -18.75 -2.99 -13.35
CA ALA G 52 -19.37 -1.67 -13.32
C ALA G 52 -19.93 -1.33 -11.93
N ALA G 53 -20.52 -2.30 -11.25
CA ALA G 53 -20.99 -2.11 -9.89
C ALA G 53 -19.83 -1.91 -8.89
N VAL G 54 -18.69 -2.57 -9.10
CA VAL G 54 -17.50 -2.30 -8.29
C VAL G 54 -17.12 -0.84 -8.45
N LEU G 55 -17.06 -0.37 -9.69
CA LEU G 55 -16.68 1.02 -9.96
C LEU G 55 -17.67 1.99 -9.32
N GLU G 56 -18.98 1.78 -9.44
CA GLU G 56 -19.95 2.62 -8.75
C GLU G 56 -19.77 2.58 -7.23
N TYR G 57 -19.84 1.39 -6.62
CA TYR G 57 -19.87 1.30 -5.16
C TYR G 57 -18.59 1.84 -4.54
N LEU G 58 -17.42 1.51 -5.10
CA LEU G 58 -16.18 2.07 -4.59
C LEU G 58 -16.06 3.57 -4.87
N THR G 59 -16.66 4.10 -5.93
CA THR G 59 -16.61 5.55 -6.19
C THR G 59 -17.56 6.35 -5.29
N ALA G 60 -18.80 5.90 -5.14
CA ALA G 60 -19.79 6.64 -4.36
C ALA G 60 -19.37 6.77 -2.89
N GLU G 61 -18.88 5.68 -2.30
CA GLU G 61 -18.50 5.61 -0.90
C GLU G 61 -17.41 6.65 -0.56
N ILE G 62 -16.35 6.75 -1.36
CA ILE G 62 -15.32 7.76 -1.16
C ILE G 62 -15.82 9.18 -1.50
N LEU G 63 -16.65 9.37 -2.54
CA LEU G 63 -17.19 10.69 -2.85
C LEU G 63 -18.08 11.23 -1.73
N GLU G 64 -18.85 10.38 -1.06
CA GLU G 64 -19.66 10.82 0.09
C GLU G 64 -18.75 11.43 1.16
N LEU G 65 -17.70 10.72 1.55
CA LEU G 65 -16.76 11.25 2.53
C LEU G 65 -16.02 12.50 2.00
N ALA G 66 -15.75 12.58 0.71
CA ALA G 66 -15.20 13.79 0.11
C ALA G 66 -16.16 14.98 0.29
N GLY G 67 -17.45 14.74 0.12
CA GLY G 67 -18.48 15.71 0.44
C GLY G 67 -18.38 16.16 1.90
N ASN G 68 -18.23 15.24 2.85
CA ASN G 68 -18.08 15.60 4.26
C ASN G 68 -16.86 16.49 4.51
N ALA G 69 -15.71 16.12 3.95
CA ALA G 69 -14.48 16.90 4.13
C ALA G 69 -14.66 18.34 3.62
N ALA G 70 -15.27 18.50 2.44
CA ALA G 70 -15.53 19.81 1.86
C ALA G 70 -16.55 20.64 2.66
N ARG G 71 -17.68 20.02 3.05
CA ARG G 71 -18.73 20.68 3.84
C ARG G 71 -18.17 21.18 5.14
N ASP G 72 -17.42 20.34 5.85
CA ASP G 72 -16.87 20.72 7.15
C ASP G 72 -15.82 21.83 7.03
N ASN G 73 -15.03 21.83 5.95
CA ASN G 73 -14.13 22.96 5.65
C ASN G 73 -14.85 24.13 4.93
N LYS G 74 -16.19 24.12 4.92
CA LYS G 74 -17.08 25.18 4.42
C LYS G 74 -16.88 25.50 2.94
N LYS G 75 -16.44 24.53 2.15
CA LYS G 75 -16.18 24.64 0.71
C LYS G 75 -17.35 24.10 -0.13
N THR G 76 -17.41 24.50 -1.39
CA THR G 76 -18.49 24.11 -2.33
C THR G 76 -17.97 23.47 -3.62
N ARG G 77 -16.68 23.59 -3.93
CA ARG G 77 -16.01 22.84 -5.02
C ARG G 77 -14.96 21.88 -4.45
N ILE G 78 -15.02 20.60 -4.82
CA ILE G 78 -14.05 19.60 -4.38
C ILE G 78 -12.66 19.91 -4.94
N ILE G 79 -11.66 19.78 -4.08
CA ILE G 79 -10.24 19.82 -4.44
C ILE G 79 -9.53 18.64 -3.76
N PRO G 80 -8.34 18.21 -4.25
CA PRO G 80 -7.70 16.96 -3.82
C PRO G 80 -7.53 16.80 -2.31
N ARG G 81 -7.33 17.91 -1.61
CA ARG G 81 -7.35 17.98 -0.14
C ARG G 81 -8.51 17.20 0.45
N HIS G 82 -9.71 17.43 -0.05
CA HIS G 82 -10.93 16.82 0.48
C HIS G 82 -10.92 15.32 0.33
N LEU G 83 -10.51 14.82 -0.84
CA LEU G 83 -10.41 13.39 -1.05
C LEU G 83 -9.34 12.77 -0.16
N GLN G 84 -8.17 13.41 -0.04
CA GLN G 84 -7.13 12.91 0.84
C GLN G 84 -7.65 12.78 2.28
N LEU G 85 -8.29 13.84 2.81
CA LEU G 85 -8.83 13.79 4.18
C LEU G 85 -10.00 12.80 4.30
N ALA G 86 -10.84 12.68 3.28
CA ALA G 86 -11.86 11.66 3.24
C ALA G 86 -11.26 10.26 3.40
N ILE G 87 -10.14 9.97 2.74
CA ILE G 87 -9.44 8.69 2.90
C ILE G 87 -8.87 8.55 4.30
N ARG G 88 -8.15 9.56 4.81
CA ARG G 88 -7.50 9.41 6.13
C ARG G 88 -8.48 9.41 7.30
N ASN G 89 -9.73 9.81 7.08
CA ASN G 89 -10.82 9.61 8.02
C ASN G 89 -11.35 8.17 8.06
N ASP G 90 -10.91 7.26 7.18
CA ASP G 90 -11.49 5.91 7.07
C ASP G 90 -10.42 4.85 6.76
N GLU G 91 -10.06 4.05 7.77
CA GLU G 91 -9.03 3.02 7.62
C GLU G 91 -9.38 1.97 6.57
N GLU G 92 -10.66 1.73 6.30
CA GLU G 92 -11.05 0.79 5.25
C GLU G 92 -10.71 1.35 3.85
N LEU G 93 -10.58 2.67 3.73
CA LEU G 93 -9.98 3.30 2.56
C LEU G 93 -8.45 3.39 2.70
N ASN G 94 -7.92 3.65 3.89
CA ASN G 94 -6.47 3.71 4.09
C ASN G 94 -5.75 2.40 3.73
N LYS G 95 -6.33 1.23 4.02
CA LYS G 95 -5.77 -0.07 3.62
C LYS G 95 -5.78 -0.31 2.11
N LEU G 96 -6.59 0.39 1.33
CA LEU G 96 -6.50 0.41 -0.13
C LEU G 96 -5.43 1.40 -0.61
N LEU G 97 -5.57 2.66 -0.23
CA LEU G 97 -4.81 3.78 -0.81
C LEU G 97 -3.46 4.07 -0.13
N GLY G 98 -3.03 3.28 0.86
CA GLY G 98 -1.74 3.47 1.55
C GLY G 98 -0.52 3.42 0.63
N ARG G 99 -0.61 2.71 -0.50
CA ARG G 99 0.41 2.67 -1.57
C ARG G 99 0.25 3.79 -2.61
N VAL G 100 -0.58 4.80 -2.34
CA VAL G 100 -1.03 5.82 -3.30
C VAL G 100 -0.82 7.23 -2.74
N THR G 101 -0.42 8.17 -3.60
CA THR G 101 -0.36 9.60 -3.27
C THR G 101 -1.49 10.36 -3.97
N ILE G 102 -2.33 11.06 -3.21
CA ILE G 102 -3.31 12.02 -3.72
C ILE G 102 -2.57 13.31 -4.05
N ALA G 103 -2.39 13.60 -5.34
CA ALA G 103 -1.67 14.79 -5.78
C ALA G 103 -2.25 16.08 -5.17
N GLN G 104 -1.39 16.89 -4.56
CA GLN G 104 -1.69 18.23 -4.03
C GLN G 104 -2.69 18.29 -2.86
N GLY G 105 -3.18 17.14 -2.36
CA GLY G 105 -3.99 17.10 -1.15
C GLY G 105 -3.19 17.28 0.16
N GLY G 106 -1.86 17.21 0.10
CA GLY G 106 -1.00 17.24 1.28
C GLY G 106 -1.16 15.99 2.15
N VAL G 107 -1.13 16.16 3.46
CA VAL G 107 -1.26 15.06 4.43
C VAL G 107 -2.20 15.46 5.56
N LEU G 108 -2.69 14.47 6.32
CA LEU G 108 -3.56 14.66 7.49
C LEU G 108 -2.90 15.62 8.51
N PRO G 109 -3.57 16.72 8.92
CA PRO G 109 -3.04 17.56 9.98
C PRO G 109 -3.04 16.77 11.29
N ASN G 110 -1.87 16.57 11.87
CA ASN G 110 -1.64 15.66 12.99
C ASN G 110 -0.40 16.07 13.79
N ILE G 111 -0.57 16.31 15.09
CA ILE G 111 0.51 16.50 16.06
C ILE G 111 0.48 15.34 17.05
N GLN G 112 1.58 14.60 17.22
CA GLN G 112 1.66 13.54 18.24
C GLN G 112 1.79 14.13 19.66
N ALA G 113 1.13 13.51 20.64
CA ALA G 113 0.88 14.14 21.96
C ALA G 113 2.17 14.44 22.76
N VAL G 114 3.23 13.68 22.55
CA VAL G 114 4.55 13.87 23.18
C VAL G 114 5.16 15.23 22.85
N LEU G 115 4.82 15.83 21.69
CA LEU G 115 5.46 17.04 21.19
C LEU G 115 4.82 18.34 21.69
N LEU G 116 3.60 18.29 22.25
CA LEU G 116 2.83 19.46 22.70
C LEU G 116 3.52 20.23 23.85
N PRO G 117 3.25 21.54 24.02
CA PRO G 117 3.55 22.25 25.25
C PRO G 117 2.90 21.60 26.49
N LYS G 118 3.58 21.67 27.65
CA LYS G 118 3.14 21.16 28.96
C LYS G 118 2.75 19.67 28.96
N SER H 32 -7.83 13.25 -32.61
CA SER H 32 -8.27 12.03 -31.91
C SER H 32 -8.54 12.31 -30.42
N ARG H 33 -9.48 11.58 -29.80
CA ARG H 33 -9.99 11.87 -28.44
C ARG H 33 -9.05 11.40 -27.32
N LYS H 34 -9.16 12.02 -26.13
CA LYS H 34 -8.35 11.73 -24.94
C LYS H 34 -8.70 10.41 -24.24
N GLU H 35 -9.99 10.10 -24.14
CA GLU H 35 -10.60 9.01 -23.35
C GLU H 35 -10.36 9.12 -21.83
N SER H 36 -11.43 9.06 -21.03
CA SER H 36 -11.42 9.18 -19.56
C SER H 36 -12.77 8.77 -18.95
N TYR H 37 -13.08 9.14 -17.70
CA TYR H 37 -14.31 8.74 -17.00
C TYR H 37 -15.08 9.92 -16.39
N SER H 38 -14.70 11.14 -16.76
CA SER H 38 -15.12 12.38 -16.10
C SER H 38 -16.64 12.51 -15.92
N ILE H 39 -17.42 12.26 -16.97
CA ILE H 39 -18.88 12.39 -16.92
C ILE H 39 -19.52 11.30 -16.04
N TYR H 40 -18.95 10.10 -15.97
CA TYR H 40 -19.47 9.03 -15.13
C TYR H 40 -19.17 9.26 -13.66
N VAL H 41 -17.98 9.77 -13.34
CA VAL H 41 -17.69 10.15 -11.95
C VAL H 41 -18.53 11.35 -11.55
N TYR H 42 -18.71 12.35 -12.43
CA TYR H 42 -19.57 13.49 -12.14
C TYR H 42 -21.07 13.12 -12.08
N LYS H 43 -21.49 12.03 -12.76
CA LYS H 43 -22.82 11.41 -12.58
C LYS H 43 -22.95 10.80 -11.18
N VAL H 44 -22.01 9.93 -10.81
CA VAL H 44 -22.05 9.28 -9.50
C VAL H 44 -21.95 10.30 -8.36
N LEU H 45 -21.27 11.42 -8.52
CA LEU H 45 -21.30 12.49 -7.51
C LEU H 45 -22.74 12.97 -7.21
N LYS H 46 -23.60 13.11 -8.22
CA LYS H 46 -25.01 13.48 -7.98
C LYS H 46 -25.77 12.40 -7.21
N GLN H 47 -25.30 11.16 -7.20
CA GLN H 47 -25.91 10.08 -6.42
C GLN H 47 -25.83 10.35 -4.91
N VAL H 48 -25.01 11.30 -4.45
CA VAL H 48 -24.92 11.68 -3.02
C VAL H 48 -24.88 13.19 -2.75
N HIS H 49 -24.30 14.00 -3.63
CA HIS H 49 -24.08 15.44 -3.41
C HIS H 49 -24.34 16.29 -4.66
N PRO H 50 -25.59 16.40 -5.14
CA PRO H 50 -25.96 17.37 -6.18
C PRO H 50 -25.65 18.84 -5.86
N ASP H 51 -25.37 19.18 -4.61
CA ASP H 51 -24.96 20.52 -4.19
C ASP H 51 -23.49 20.87 -4.51
N THR H 52 -22.67 19.88 -4.89
CA THR H 52 -21.21 19.97 -4.86
C THR H 52 -20.58 20.08 -6.26
N GLY H 53 -19.69 21.05 -6.47
CA GLY H 53 -18.89 21.21 -7.70
C GLY H 53 -17.52 20.51 -7.63
N ILE H 54 -16.76 20.43 -8.73
CA ILE H 54 -15.47 19.72 -8.82
C ILE H 54 -14.40 20.57 -9.52
N SER H 55 -13.15 20.59 -9.02
CA SER H 55 -12.01 21.04 -9.83
C SER H 55 -11.50 19.93 -10.75
N SER H 56 -11.03 20.30 -11.93
CA SER H 56 -10.35 19.42 -12.87
C SER H 56 -9.26 18.57 -12.20
N LYS H 57 -8.55 19.11 -11.21
CA LYS H 57 -7.52 18.36 -10.48
C LYS H 57 -8.14 17.20 -9.70
N ALA H 58 -9.23 17.45 -8.98
CA ALA H 58 -9.98 16.40 -8.31
C ALA H 58 -10.61 15.43 -9.32
N MET H 59 -11.13 15.94 -10.43
CA MET H 59 -11.61 15.08 -11.53
C MET H 59 -10.50 14.14 -12.01
N GLY H 60 -9.26 14.62 -12.12
CA GLY H 60 -8.07 13.85 -12.42
C GLY H 60 -7.73 12.77 -11.38
N ILE H 61 -7.87 13.07 -10.09
CA ILE H 61 -7.76 12.06 -9.02
C ILE H 61 -8.79 10.94 -9.24
N MET H 62 -10.07 11.27 -9.43
CA MET H 62 -11.10 10.25 -9.63
C MET H 62 -10.92 9.47 -10.94
N ASN H 63 -10.55 10.15 -12.02
CA ASN H 63 -10.14 9.54 -13.28
C ASN H 63 -8.90 8.62 -13.13
N SER H 64 -8.13 8.75 -12.06
CA SER H 64 -7.09 7.77 -11.71
C SER H 64 -7.66 6.61 -10.88
N PHE H 65 -8.45 6.93 -9.85
CA PHE H 65 -8.98 5.94 -8.93
C PHE H 65 -9.82 4.86 -9.64
N VAL H 66 -10.64 5.29 -10.59
CA VAL H 66 -11.49 4.39 -11.37
C VAL H 66 -10.67 3.33 -12.09
N ASN H 67 -9.67 3.74 -12.89
CA ASN H 67 -8.93 2.79 -13.69
C ASN H 67 -7.85 2.05 -12.88
N ASP H 68 -7.49 2.55 -11.69
CA ASP H 68 -6.68 1.78 -10.74
C ASP H 68 -7.47 0.58 -10.16
N ILE H 69 -8.75 0.76 -9.81
CA ILE H 69 -9.60 -0.37 -9.45
C ILE H 69 -9.74 -1.34 -10.64
N PHE H 70 -9.92 -0.82 -11.85
CA PHE H 70 -9.95 -1.66 -13.06
C PHE H 70 -8.66 -2.49 -13.20
N GLU H 71 -7.49 -1.85 -13.08
CA GLU H 71 -6.18 -2.49 -13.13
C GLU H 71 -6.00 -3.59 -12.07
N ARG H 72 -6.53 -3.38 -10.88
CA ARG H 72 -6.45 -4.37 -9.80
C ARG H 72 -7.37 -5.55 -10.07
N ILE H 73 -8.63 -5.30 -10.37
CA ILE H 73 -9.60 -6.35 -10.57
C ILE H 73 -9.31 -7.18 -11.82
N ALA H 74 -9.15 -6.55 -12.99
CA ALA H 74 -9.02 -7.30 -14.23
C ALA H 74 -7.83 -8.27 -14.19
N GLY H 75 -6.68 -7.81 -13.68
CA GLY H 75 -5.51 -8.66 -13.49
C GLY H 75 -5.78 -9.79 -12.50
N GLU H 76 -6.43 -9.51 -11.38
CA GLU H 76 -6.77 -10.54 -10.41
C GLU H 76 -7.70 -11.58 -11.01
N ALA H 77 -8.71 -11.18 -11.76
CA ALA H 77 -9.63 -12.11 -12.40
C ALA H 77 -8.92 -12.97 -13.46
N SER H 78 -8.08 -12.36 -14.28
CA SER H 78 -7.29 -13.09 -15.27
C SER H 78 -6.36 -14.07 -14.59
N ARG H 79 -5.73 -13.67 -13.48
CA ARG H 79 -4.89 -14.57 -12.69
C ARG H 79 -5.72 -15.69 -12.06
N LEU H 80 -6.91 -15.42 -11.52
CA LEU H 80 -7.81 -16.45 -10.99
C LEU H 80 -8.22 -17.46 -12.07
N ALA H 81 -8.47 -16.98 -13.29
CA ALA H 81 -8.69 -17.85 -14.43
C ALA H 81 -7.44 -18.71 -14.73
N HIS H 82 -6.27 -18.09 -14.81
CA HIS H 82 -4.99 -18.75 -15.08
C HIS H 82 -4.62 -19.79 -14.03
N TYR H 83 -4.88 -19.50 -12.74
CA TYR H 83 -4.67 -20.43 -11.62
C TYR H 83 -5.51 -21.71 -11.76
N ASN H 84 -6.56 -21.67 -12.58
CA ASN H 84 -7.40 -22.81 -12.92
C ASN H 84 -7.47 -23.06 -14.45
N LYS H 85 -6.43 -22.67 -15.18
CA LYS H 85 -6.17 -22.89 -16.63
C LYS H 85 -7.27 -22.41 -17.60
N ARG H 86 -8.14 -21.49 -17.19
CA ARG H 86 -9.37 -21.13 -17.94
C ARG H 86 -9.15 -20.12 -19.07
N SER H 87 -9.93 -20.25 -20.15
CA SER H 87 -9.97 -19.32 -21.29
C SER H 87 -10.93 -18.14 -21.09
N THR H 88 -11.83 -18.20 -20.12
CA THR H 88 -12.72 -17.08 -19.75
C THR H 88 -12.43 -16.55 -18.36
N ILE H 89 -12.22 -15.25 -18.20
CA ILE H 89 -12.58 -14.61 -16.93
C ILE H 89 -14.11 -14.65 -16.81
N THR H 90 -14.64 -14.62 -15.60
CA THR H 90 -16.05 -14.96 -15.31
C THR H 90 -16.64 -14.13 -14.18
N SER H 91 -17.96 -14.14 -14.05
CA SER H 91 -18.67 -13.63 -12.88
C SER H 91 -18.06 -14.14 -11.58
N ARG H 92 -17.90 -15.45 -11.42
CA ARG H 92 -17.29 -16.01 -10.22
C ARG H 92 -15.81 -15.63 -10.06
N GLU H 93 -15.09 -15.41 -11.16
CA GLU H 93 -13.73 -14.87 -11.07
C GLU H 93 -13.76 -13.47 -10.45
N ILE H 94 -14.54 -12.53 -11.01
CA ILE H 94 -14.56 -11.18 -10.46
C ILE H 94 -15.07 -11.17 -9.02
N GLN H 95 -16.07 -11.99 -8.71
CA GLN H 95 -16.55 -12.13 -7.34
C GLN H 95 -15.41 -12.54 -6.40
N THR H 96 -14.56 -13.47 -6.81
CA THR H 96 -13.41 -13.89 -6.02
C THR H 96 -12.32 -12.82 -5.95
N ALA H 97 -12.07 -12.08 -7.04
CA ALA H 97 -11.13 -10.99 -7.03
C ALA H 97 -11.53 -9.88 -6.05
N VAL H 98 -12.79 -9.42 -6.13
CA VAL H 98 -13.34 -8.42 -5.22
C VAL H 98 -13.34 -8.92 -3.79
N ARG H 99 -13.68 -10.20 -3.57
CA ARG H 99 -13.55 -10.85 -2.26
C ARG H 99 -12.13 -10.72 -1.70
N LEU H 100 -11.13 -10.54 -2.54
CA LEU H 100 -9.75 -10.30 -2.15
C LEU H 100 -9.29 -8.84 -2.31
N LEU H 101 -10.13 -7.90 -2.76
CA LEU H 101 -9.71 -6.50 -2.93
C LEU H 101 -9.77 -5.68 -1.64
N LEU H 102 -10.82 -5.82 -0.82
CA LEU H 102 -10.95 -5.09 0.45
C LEU H 102 -11.04 -6.03 1.66
N PRO H 103 -10.21 -5.87 2.70
CA PRO H 103 -10.16 -6.74 3.87
C PRO H 103 -11.26 -6.40 4.91
N GLY H 104 -12.51 -6.28 4.46
CA GLY H 104 -13.62 -5.88 5.33
C GLY H 104 -14.99 -5.88 4.65
N GLU H 105 -16.00 -5.34 5.35
CA GLU H 105 -17.42 -5.34 4.97
C GLU H 105 -17.65 -4.81 3.55
N LEU H 106 -16.83 -3.84 3.13
CA LEU H 106 -16.88 -3.26 1.79
C LEU H 106 -16.80 -4.32 0.69
N ALA H 107 -16.09 -5.43 0.92
CA ALA H 107 -16.03 -6.51 -0.07
C ALA H 107 -17.42 -7.14 -0.26
N LYS H 108 -18.12 -7.51 0.82
CA LYS H 108 -19.46 -8.07 0.68
C LYS H 108 -20.48 -7.02 0.24
N HIS H 109 -20.29 -5.74 0.56
CA HIS H 109 -21.11 -4.68 -0.05
C HIS H 109 -20.91 -4.59 -1.56
N ALA H 110 -19.66 -4.63 -2.04
CA ALA H 110 -19.38 -4.67 -3.46
C ALA H 110 -19.99 -5.89 -4.13
N VAL H 111 -19.86 -7.06 -3.50
CA VAL H 111 -20.53 -8.29 -3.96
C VAL H 111 -22.04 -8.12 -4.02
N SER H 112 -22.63 -7.41 -3.04
CA SER H 112 -24.08 -7.15 -3.03
C SER H 112 -24.50 -6.30 -4.22
N GLU H 113 -23.71 -5.29 -4.58
CA GLU H 113 -23.99 -4.49 -5.76
C GLU H 113 -23.81 -5.29 -7.05
N GLY H 114 -22.73 -6.07 -7.14
CA GLY H 114 -22.42 -6.87 -8.33
C GLY H 114 -23.41 -7.99 -8.60
N THR H 115 -23.81 -8.73 -7.56
CA THR H 115 -24.84 -9.77 -7.69
C THR H 115 -26.17 -9.18 -8.12
N LYS H 116 -26.55 -8.01 -7.59
CA LYS H 116 -27.74 -7.29 -8.06
C LYS H 116 -27.62 -6.98 -9.55
N ALA H 117 -26.48 -6.43 -9.97
CA ALA H 117 -26.27 -6.08 -11.37
C ALA H 117 -26.39 -7.28 -12.31
N VAL H 118 -25.64 -8.35 -12.03
CA VAL H 118 -25.63 -9.54 -12.90
C VAL H 118 -26.99 -10.24 -12.89
N THR H 119 -27.64 -10.31 -11.73
CA THR H 119 -29.00 -10.87 -11.62
C THR H 119 -29.96 -10.09 -12.52
N LYS H 120 -30.10 -8.78 -12.33
CA LYS H 120 -31.09 -8.00 -13.07
C LYS H 120 -30.79 -7.92 -14.56
N TYR H 121 -29.51 -7.94 -14.95
CA TYR H 121 -29.13 -7.98 -16.37
C TYR H 121 -29.58 -9.28 -17.05
N THR H 122 -29.44 -10.40 -16.35
CA THR H 122 -29.69 -11.72 -16.94
C THR H 122 -31.12 -12.21 -16.76
N SER H 123 -31.89 -11.65 -15.81
CA SER H 123 -33.33 -11.93 -15.63
C SER H 123 -34.18 -11.20 -16.67
#